data_8XP6
#
_entry.id   8XP6
#
_cell.length_a   59.550
_cell.length_b   62.750
_cell.length_c   92.140
_cell.angle_alpha   90.00
_cell.angle_beta   90.00
_cell.angle_gamma   90.00
#
_symmetry.space_group_name_H-M   'P 21 2 21'
#
loop_
_entity.id
_entity.type
_entity.pdbx_description
1 polymer '2OG-Fe(II) oxygenase'
2 non-polymer 'FE (III) ION'
3 water water
#
_entity_poly.entity_id   1
_entity_poly.type   'polypeptide(L)'
_entity_poly.pdbx_seq_one_letter_code
;MDSKSIAAELATRGYALVPDFLTGDALTEAVAAIETYFPDPEADDSTADDVAALKHAVPFPFTSNALNRHPLDLRVISVV
EELLGTTDLRMTSSFIQAKYGTAYGESKDQRLHNDAWAASSLVHPRADGVYQRVYGILYLTDVTEDTAPTYVVDRAAHLG
VPLLTPEGTGAYSKEAYPELYERERPVVVSKGSLLLFVGDIVHRGSAYHGHLGRRLALFFNIHGAQARWTDKHLWSLRPA
HPDWGTFRDLMIELEPRQRHLLGFPPPGDDYWTEETIKHLSEMYPGIDVEPYLPARVASKLAAALEHHHHHH
;
_entity_poly.pdbx_strand_id   A
#
loop_
_chem_comp.id
_chem_comp.type
_chem_comp.name
_chem_comp.formula
FE non-polymer 'FE (III) ION' 'Fe 3'
#
# COMPACT_ATOMS: atom_id res chain seq x y z
N ASP A 2 8.79 -14.61 8.03
CA ASP A 2 8.07 -15.77 8.51
C ASP A 2 6.61 -15.32 8.42
N SER A 3 5.89 -15.86 7.43
CA SER A 3 4.50 -15.47 7.26
C SER A 3 3.65 -15.88 8.47
N LYS A 4 3.96 -17.03 9.09
CA LYS A 4 3.18 -17.47 10.24
C LYS A 4 3.39 -16.52 11.41
N SER A 5 4.63 -16.08 11.63
CA SER A 5 4.91 -15.15 12.71
C SER A 5 4.25 -13.79 12.46
N ILE A 6 4.38 -13.25 11.25
CA ILE A 6 3.80 -11.95 10.97
C ILE A 6 2.27 -12.02 11.00
N ALA A 7 1.70 -13.07 10.42
CA ALA A 7 0.24 -13.23 10.47
C ALA A 7 -0.26 -13.32 11.89
N ALA A 8 0.51 -13.94 12.79
CA ALA A 8 0.10 -14.02 14.18
C ALA A 8 0.11 -12.66 14.85
N GLU A 9 1.10 -11.83 14.53
CA GLU A 9 1.12 -10.45 15.03
C GLU A 9 -0.07 -9.67 14.50
N LEU A 10 -0.35 -9.78 13.21
CA LEU A 10 -1.51 -9.09 12.66
C LEU A 10 -2.80 -9.55 13.31
N ALA A 11 -2.93 -10.86 13.55
CA ALA A 11 -4.17 -11.39 14.09
C ALA A 11 -4.40 -10.92 15.52
N THR A 12 -3.32 -10.80 16.31
CA THR A 12 -3.46 -10.54 17.75
C THR A 12 -3.36 -9.07 18.12
N ARG A 13 -2.62 -8.27 17.35
CA ARG A 13 -2.43 -6.85 17.66
C ARG A 13 -2.82 -5.95 16.51
N GLY A 14 -3.06 -6.50 15.32
CA GLY A 14 -3.48 -5.70 14.19
C GLY A 14 -2.37 -5.18 13.30
N TYR A 15 -1.11 -5.22 13.72
CA TYR A 15 -0.03 -4.64 12.94
C TYR A 15 1.27 -5.35 13.25
N ALA A 16 2.23 -5.19 12.34
CA ALA A 16 3.58 -5.69 12.53
C ALA A 16 4.52 -4.75 11.79
N LEU A 17 5.61 -4.37 12.43
CA LEU A 17 6.63 -3.53 11.82
C LEU A 17 7.81 -4.41 11.41
N VAL A 18 8.10 -4.46 10.11
CA VAL A 18 9.18 -5.28 9.58
C VAL A 18 10.39 -4.38 9.35
N PRO A 19 11.44 -4.49 10.15
CA PRO A 19 12.63 -3.67 9.93
C PRO A 19 13.38 -4.14 8.70
N ASP A 20 14.01 -3.19 8.00
CA ASP A 20 14.94 -3.53 6.91
C ASP A 20 14.29 -4.39 5.85
N PHE A 21 13.01 -4.10 5.58
CA PHE A 21 12.31 -4.78 4.48
C PHE A 21 13.04 -4.54 3.16
N LEU A 22 13.48 -3.31 2.94
CA LEU A 22 14.43 -3.03 1.87
C LEU A 22 15.77 -2.70 2.51
N THR A 23 16.85 -3.16 1.87
CA THR A 23 18.19 -2.85 2.34
C THR A 23 19.08 -2.73 1.11
N GLY A 24 20.28 -2.21 1.34
CA GLY A 24 21.28 -2.15 0.26
C GLY A 24 20.80 -1.37 -0.95
N ASP A 25 21.13 -1.90 -2.13
CA ASP A 25 20.80 -1.20 -3.37
C ASP A 25 19.31 -1.05 -3.56
N ALA A 26 18.52 -2.05 -3.17
CA ALA A 26 17.07 -1.94 -3.31
C ALA A 26 16.54 -0.73 -2.56
N LEU A 27 17.06 -0.48 -1.36
CA LEU A 27 16.64 0.69 -0.59
C LEU A 27 17.09 1.99 -1.26
N THR A 28 18.37 2.09 -1.64
CA THR A 28 18.83 3.33 -2.26
C THR A 28 18.07 3.63 -3.55
N GLU A 29 17.76 2.60 -4.33
CA GLU A 29 17.02 2.79 -5.57
C GLU A 29 15.58 3.24 -5.32
N ALA A 30 14.93 2.69 -4.30
CA ALA A 30 13.57 3.11 -3.99
C ALA A 30 13.55 4.55 -3.49
N VAL A 31 14.53 4.92 -2.65
CA VAL A 31 14.61 6.29 -2.16
C VAL A 31 14.82 7.25 -3.32
N ALA A 32 15.76 6.92 -4.21
CA ALA A 32 15.99 7.81 -5.36
C ALA A 32 14.72 7.97 -6.20
N ALA A 33 13.97 6.88 -6.39
CA ALA A 33 12.78 6.94 -7.22
C ALA A 33 11.71 7.85 -6.61
N ILE A 34 11.44 7.69 -5.32
CA ILE A 34 10.41 8.54 -4.72
C ILE A 34 10.86 9.99 -4.67
N GLU A 35 12.17 10.24 -4.55
CA GLU A 35 12.68 11.61 -4.59
C GLU A 35 12.52 12.28 -5.95
N THR A 36 12.36 11.51 -7.04
CA THR A 36 12.06 12.14 -8.32
C THR A 36 10.70 12.82 -8.31
N TYR A 37 9.81 12.41 -7.40
CA TYR A 37 8.48 13.02 -7.31
C TYR A 37 8.41 14.12 -6.26
N PHE A 38 9.09 13.96 -5.14
CA PHE A 38 8.91 14.82 -3.97
C PHE A 38 10.28 15.35 -3.58
N PRO A 39 10.57 16.61 -3.89
CA PRO A 39 11.92 17.15 -3.64
C PRO A 39 12.10 17.55 -2.18
N ASP A 40 13.32 17.98 -1.86
CA ASP A 40 13.67 18.42 -0.51
C ASP A 40 14.42 19.75 -0.63
N PRO A 41 13.76 20.86 -0.33
CA PRO A 41 14.43 22.18 -0.44
C PRO A 41 15.72 22.29 0.36
N GLU A 42 15.92 21.49 1.40
CA GLU A 42 17.19 21.53 2.13
C GLU A 42 18.34 20.86 1.38
N ALA A 43 18.03 19.99 0.42
CA ALA A 43 19.06 19.21 -0.26
C ALA A 43 19.15 19.48 -1.74
N ASP A 44 18.11 20.05 -2.36
CA ASP A 44 18.13 20.36 -3.79
C ASP A 44 17.69 21.81 -3.99
N ASP A 45 17.41 22.19 -5.23
CA ASP A 45 17.11 23.59 -5.50
C ASP A 45 15.62 23.91 -5.49
N SER A 46 14.78 23.00 -5.00
CA SER A 46 13.36 23.28 -4.92
C SER A 46 13.07 24.26 -3.79
N THR A 47 11.91 24.91 -3.88
CA THR A 47 11.46 25.86 -2.88
C THR A 47 10.08 25.44 -2.36
N ALA A 48 9.63 26.16 -1.33
CA ALA A 48 8.29 25.93 -0.80
C ALA A 48 7.23 26.16 -1.87
N ASP A 49 7.46 27.13 -2.76
CA ASP A 49 6.52 27.34 -3.87
C ASP A 49 6.45 26.12 -4.78
N ASP A 50 7.60 25.55 -5.13
CA ASP A 50 7.59 24.33 -5.94
C ASP A 50 6.84 23.22 -5.23
N VAL A 51 7.09 23.05 -3.92
CA VAL A 51 6.45 21.98 -3.17
C VAL A 51 4.94 22.16 -3.16
N ALA A 52 4.46 23.40 -2.98
CA ALA A 52 3.02 23.65 -2.92
C ALA A 52 2.33 23.42 -4.25
N ALA A 53 3.06 23.49 -5.37
CA ALA A 53 2.49 23.28 -6.69
C ALA A 53 2.42 21.82 -7.10
N LEU A 54 2.98 20.92 -6.30
CA LEU A 54 2.97 19.49 -6.61
C LEU A 54 1.85 18.81 -5.82
N LYS A 55 1.27 17.77 -6.40
CA LYS A 55 0.39 16.92 -5.62
C LYS A 55 1.25 16.00 -4.75
N HIS A 56 0.81 15.81 -3.51
CA HIS A 56 1.61 15.11 -2.51
C HIS A 56 1.22 13.65 -2.38
N ALA A 57 0.32 13.16 -3.24
CA ALA A 57 0.01 11.74 -3.33
C ALA A 57 -0.19 11.40 -4.79
N VAL A 58 0.40 10.30 -5.23
CA VAL A 58 0.46 9.91 -6.65
C VAL A 58 0.15 8.43 -6.77
N PRO A 59 -0.77 8.02 -7.65
CA PRO A 59 -1.16 6.60 -7.72
C PRO A 59 -0.25 5.76 -8.59
N PHE A 60 -0.22 4.47 -8.28
CA PHE A 60 0.41 3.45 -9.12
C PHE A 60 -0.30 3.43 -10.48
N PRO A 61 0.43 3.12 -11.57
CA PRO A 61 1.85 2.79 -11.64
C PRO A 61 2.73 4.01 -11.72
N PHE A 62 3.91 3.88 -11.13
CA PHE A 62 4.88 4.94 -11.02
C PHE A 62 5.89 4.87 -12.16
N THR A 63 6.75 5.88 -12.24
CA THR A 63 7.75 6.01 -13.29
C THR A 63 8.99 5.14 -13.03
N SER A 64 9.03 4.40 -11.93
CA SER A 64 10.16 3.52 -11.64
C SER A 64 9.65 2.22 -11.04
N ASN A 65 10.23 1.11 -11.50
CA ASN A 65 9.93 -0.18 -10.91
C ASN A 65 10.58 -0.41 -9.56
N ALA A 66 11.51 0.46 -9.16
CA ALA A 66 11.97 0.51 -7.77
C ALA A 66 10.88 1.00 -6.82
N LEU A 67 9.72 1.43 -7.33
CA LEU A 67 8.52 1.63 -6.54
C LEU A 67 7.43 0.64 -6.91
N ASN A 68 7.22 0.38 -8.20
CA ASN A 68 6.11 -0.47 -8.63
C ASN A 68 6.19 -1.89 -8.10
N ARG A 69 7.39 -2.45 -7.94
CA ARG A 69 7.47 -3.87 -7.61
C ARG A 69 7.10 -4.17 -6.17
N HIS A 70 7.23 -3.21 -5.26
CA HIS A 70 7.17 -3.53 -3.84
C HIS A 70 5.80 -3.95 -3.30
N PRO A 71 4.68 -3.37 -3.76
CA PRO A 71 3.39 -3.89 -3.30
C PRO A 71 3.17 -5.34 -3.68
N LEU A 72 3.92 -5.84 -4.67
CA LEU A 72 3.79 -7.21 -5.17
C LEU A 72 4.92 -8.10 -4.69
N ASP A 73 5.69 -7.65 -3.70
CA ASP A 73 6.78 -8.44 -3.16
C ASP A 73 6.26 -9.79 -2.65
N LEU A 74 6.95 -10.88 -3.01
CA LEU A 74 6.46 -12.21 -2.66
C LEU A 74 6.45 -12.45 -1.16
N ARG A 75 7.30 -11.77 -0.40
CA ARG A 75 7.23 -11.87 1.07
C ARG A 75 5.92 -11.30 1.58
N VAL A 76 5.49 -10.18 1.00
CA VAL A 76 4.21 -9.58 1.36
C VAL A 76 3.06 -10.48 0.94
N ILE A 77 3.07 -10.96 -0.31
CA ILE A 77 2.03 -11.87 -0.77
C ILE A 77 1.90 -13.06 0.16
N SER A 78 3.04 -13.64 0.57
CA SER A 78 2.97 -14.81 1.45
C SER A 78 2.32 -14.49 2.79
N VAL A 79 2.59 -13.31 3.36
CA VAL A 79 1.95 -12.92 4.61
C VAL A 79 0.44 -12.85 4.43
N VAL A 80 0.01 -12.20 3.35
CA VAL A 80 -1.43 -12.01 3.14
C VAL A 80 -2.11 -13.34 2.91
N GLU A 81 -1.48 -14.24 2.14
CA GLU A 81 -2.05 -15.57 1.92
C GLU A 81 -2.21 -16.31 3.23
N GLU A 82 -1.22 -16.22 4.11
CA GLU A 82 -1.30 -16.91 5.40
C GLU A 82 -2.43 -16.34 6.26
N LEU A 83 -2.57 -15.01 6.29
CA LEU A 83 -3.59 -14.40 7.13
C LEU A 83 -5.00 -14.65 6.60
N LEU A 84 -5.20 -14.50 5.29
CA LEU A 84 -6.53 -14.62 4.70
C LEU A 84 -6.93 -16.07 4.43
N GLY A 85 -5.96 -16.96 4.27
CA GLY A 85 -6.27 -18.34 3.92
C GLY A 85 -6.62 -18.55 2.46
N THR A 86 -6.16 -17.70 1.56
CA THR A 86 -6.38 -17.88 0.13
C THR A 86 -5.20 -17.34 -0.67
N THR A 87 -4.98 -17.93 -1.84
CA THR A 87 -4.02 -17.36 -2.79
C THR A 87 -4.65 -16.43 -3.80
N ASP A 88 -5.98 -16.26 -3.78
CA ASP A 88 -6.66 -15.51 -4.84
C ASP A 88 -6.77 -14.06 -4.39
N LEU A 89 -5.65 -13.34 -4.50
CA LEU A 89 -5.49 -11.99 -3.98
C LEU A 89 -5.46 -10.96 -5.10
N ARG A 90 -5.81 -9.72 -4.75
CA ARG A 90 -5.72 -8.58 -5.65
C ARG A 90 -5.10 -7.39 -4.92
N MET A 91 -4.30 -6.60 -5.63
CA MET A 91 -3.87 -5.31 -5.14
C MET A 91 -5.02 -4.33 -5.24
N THR A 92 -5.46 -3.81 -4.09
CA THR A 92 -6.61 -2.92 -4.02
C THR A 92 -6.21 -1.51 -4.42
N SER A 93 -5.04 -1.06 -4.00
CA SER A 93 -4.60 0.29 -4.31
C SER A 93 -3.11 0.39 -4.00
N SER A 94 -2.45 1.36 -4.64
CA SER A 94 -1.10 1.74 -4.25
C SER A 94 -0.87 3.19 -4.64
N PHE A 95 -0.17 3.92 -3.78
CA PHE A 95 0.18 5.31 -4.04
C PHE A 95 1.44 5.65 -3.26
N ILE A 96 2.16 6.67 -3.73
CA ILE A 96 3.25 7.25 -2.96
C ILE A 96 2.79 8.57 -2.37
N GLN A 97 3.41 8.96 -1.25
CA GLN A 97 2.94 10.11 -0.49
C GLN A 97 4.10 10.83 0.15
N ALA A 98 4.02 12.16 0.18
CA ALA A 98 4.93 13.01 0.92
C ALA A 98 4.12 13.81 1.93
N LYS A 99 4.64 13.94 3.14
CA LYS A 99 4.09 14.82 4.16
C LYS A 99 5.18 15.80 4.59
N TYR A 100 5.04 17.06 4.24
CA TYR A 100 6.07 18.07 4.48
C TYR A 100 5.89 18.74 5.83
N GLY A 101 6.99 19.25 6.38
CA GLY A 101 6.98 19.93 7.65
C GLY A 101 6.27 21.28 7.61
N THR A 102 6.17 21.91 8.79
CA THR A 102 5.35 23.11 8.92
C THR A 102 5.89 24.30 8.16
N ALA A 103 7.17 24.29 7.77
CA ALA A 103 7.68 25.36 6.93
C ALA A 103 6.97 25.41 5.58
N TYR A 104 6.29 24.33 5.19
CA TYR A 104 5.66 24.22 3.88
C TYR A 104 4.15 24.28 3.96
N GLY A 105 3.61 24.73 5.09
CA GLY A 105 2.18 24.81 5.30
C GLY A 105 1.74 23.95 6.46
N GLU A 106 0.49 24.17 6.86
CA GLU A 106 -0.07 23.44 7.98
C GLU A 106 -0.23 21.95 7.65
N SER A 107 -0.01 21.12 8.65
CA SER A 107 -0.13 19.67 8.54
C SER A 107 -1.13 19.23 9.59
N LYS A 108 -2.15 18.48 9.18
CA LYS A 108 -3.24 18.13 10.07
C LYS A 108 -3.34 16.61 10.26
N ASP A 109 -3.83 16.22 11.42
CA ASP A 109 -4.02 14.82 11.76
C ASP A 109 -5.31 14.28 11.15
N GLN A 110 -5.29 13.00 10.77
CA GLN A 110 -6.54 12.31 10.49
C GLN A 110 -7.19 11.93 11.82
N ARG A 111 -8.51 11.72 11.77
CA ARG A 111 -9.17 11.06 12.90
C ARG A 111 -8.84 9.58 12.88
N LEU A 112 -8.85 8.97 14.06
CA LEU A 112 -8.76 7.52 14.13
C LEU A 112 -9.91 6.90 13.34
N HIS A 113 -9.60 5.83 12.62
CA HIS A 113 -10.58 5.18 11.77
C HIS A 113 -10.13 3.75 11.50
N ASN A 114 -11.06 2.95 10.98
CA ASN A 114 -10.72 1.68 10.39
C ASN A 114 -10.78 1.78 8.87
N ASP A 115 -10.03 0.89 8.21
CA ASP A 115 -10.10 0.74 6.76
C ASP A 115 -10.57 -0.67 6.42
N ALA A 116 -11.63 -1.12 7.09
CA ALA A 116 -12.18 -2.44 6.86
C ALA A 116 -13.10 -2.47 5.65
N TRP A 117 -13.52 -1.31 5.15
CA TRP A 117 -14.57 -1.18 4.15
C TRP A 117 -14.01 -1.08 2.75
N ALA A 118 -14.79 -1.59 1.79
CA ALA A 118 -14.61 -1.23 0.40
C ALA A 118 -15.11 0.20 0.19
N ALA A 119 -14.61 0.84 -0.87
CA ALA A 119 -14.90 2.26 -1.13
C ALA A 119 -16.38 2.53 -1.29
N SER A 120 -17.11 1.58 -1.88
CA SER A 120 -18.54 1.76 -2.13
C SER A 120 -19.40 1.48 -0.91
N SER A 121 -18.83 0.92 0.16
CA SER A 121 -19.61 0.49 1.32
C SER A 121 -20.76 -0.46 0.93
N LEU A 122 -20.59 -1.27 -0.12
CA LEU A 122 -21.74 -1.99 -0.66
C LEU A 122 -22.34 -2.93 0.37
N VAL A 123 -21.50 -3.68 1.06
CA VAL A 123 -21.92 -4.50 2.19
C VAL A 123 -20.94 -4.30 3.34
N HIS A 124 -21.42 -4.60 4.53
CA HIS A 124 -20.64 -4.44 5.76
C HIS A 124 -19.41 -5.36 5.72
N PRO A 125 -18.28 -4.92 6.25
CA PRO A 125 -17.08 -5.78 6.24
C PRO A 125 -17.22 -6.97 7.16
N ARG A 126 -16.37 -7.97 6.88
CA ARG A 126 -16.02 -9.01 7.84
C ARG A 126 -14.54 -8.89 8.12
N ALA A 127 -14.15 -9.16 9.37
CA ALA A 127 -12.76 -9.09 9.79
C ALA A 127 -12.12 -10.47 9.92
N ASP A 128 -12.70 -11.48 9.29
CA ASP A 128 -12.19 -12.85 9.41
C ASP A 128 -11.90 -13.40 8.02
N GLY A 129 -10.94 -14.33 7.98
CA GLY A 129 -10.73 -15.15 6.80
C GLY A 129 -10.41 -14.33 5.57
N VAL A 130 -11.05 -14.72 4.46
CA VAL A 130 -10.74 -14.15 3.15
C VAL A 130 -11.27 -12.73 3.01
N TYR A 131 -12.01 -12.22 4.01
CA TYR A 131 -12.61 -10.89 3.95
C TYR A 131 -11.73 -9.83 4.59
N GLN A 132 -10.60 -10.23 5.17
CA GLN A 132 -9.66 -9.27 5.73
C GLN A 132 -8.93 -8.51 4.63
N ARG A 133 -8.52 -7.29 4.95
CA ARG A 133 -7.71 -6.45 4.09
C ARG A 133 -6.36 -6.24 4.76
N VAL A 134 -5.29 -6.19 3.97
CA VAL A 134 -3.95 -5.96 4.49
C VAL A 134 -3.36 -4.72 3.85
N TYR A 135 -2.92 -3.79 4.68
CA TYR A 135 -2.28 -2.54 4.30
C TYR A 135 -0.78 -2.61 4.57
N GLY A 136 -0.03 -1.97 3.69
CA GLY A 136 1.40 -1.76 3.91
C GLY A 136 1.78 -0.31 3.73
N ILE A 137 2.72 0.14 4.56
CA ILE A 137 3.36 1.44 4.43
C ILE A 137 4.87 1.17 4.47
N LEU A 138 5.54 1.40 3.35
CA LEU A 138 6.98 1.24 3.24
C LEU A 138 7.60 2.62 3.43
N TYR A 139 8.26 2.82 4.57
CA TYR A 139 8.81 4.12 4.89
C TYR A 139 10.14 4.29 4.16
N LEU A 140 10.26 5.39 3.40
CA LEU A 140 11.49 5.67 2.65
C LEU A 140 12.27 6.83 3.24
N THR A 141 11.84 7.35 4.39
CA THR A 141 12.61 8.24 5.25
C THR A 141 12.55 7.68 6.66
N ASP A 142 13.50 8.10 7.51
CA ASP A 142 13.45 7.75 8.92
C ASP A 142 12.26 8.45 9.57
N VAL A 143 11.45 7.72 10.33
CA VAL A 143 10.23 8.26 10.92
C VAL A 143 10.40 8.32 12.44
N THR A 144 10.27 9.51 13.00
CA THR A 144 10.26 9.75 14.43
C THR A 144 8.90 10.33 14.83
N GLU A 145 8.73 10.57 16.14
CA GLU A 145 7.49 11.18 16.61
C GLU A 145 7.28 12.56 16.01
N ASP A 146 8.35 13.19 15.52
CA ASP A 146 8.28 14.54 14.98
C ASP A 146 8.02 14.58 13.47
N THR A 147 7.93 13.42 12.80
CA THR A 147 7.86 13.41 11.34
C THR A 147 6.63 12.65 10.85
N ALA A 148 5.46 12.96 11.41
CA ALA A 148 4.17 12.41 10.97
C ALA A 148 4.12 10.88 11.02
N PRO A 149 4.40 10.27 12.17
CA PRO A 149 4.28 8.80 12.25
C PRO A 149 2.84 8.34 12.10
N THR A 150 2.70 7.13 11.56
CA THR A 150 1.42 6.44 11.64
C THR A 150 1.12 6.14 13.11
N TYR A 151 -0.13 6.35 13.51
CA TYR A 151 -0.59 5.93 14.83
C TYR A 151 -1.47 4.70 14.71
N VAL A 152 -1.32 3.76 15.66
CA VAL A 152 -2.11 2.53 15.69
C VAL A 152 -2.68 2.34 17.08
N VAL A 153 -3.81 1.62 17.13
CA VAL A 153 -4.39 1.21 18.40
C VAL A 153 -4.42 -0.33 18.46
N ASP A 154 -5.44 -0.94 17.86
CA ASP A 154 -5.63 -2.39 17.85
C ASP A 154 -6.78 -2.64 16.88
N ARG A 155 -7.01 -3.91 16.57
CA ARG A 155 -8.18 -4.31 15.79
C ARG A 155 -9.45 -3.80 16.44
N ALA A 156 -10.38 -3.30 15.61
CA ALA A 156 -11.62 -2.72 16.15
C ALA A 156 -12.32 -3.67 17.11
N ALA A 157 -12.42 -4.96 16.76
CA ALA A 157 -13.11 -5.90 17.62
C ALA A 157 -12.42 -6.06 18.96
N HIS A 158 -11.09 -5.98 18.99
CA HIS A 158 -10.36 -6.08 20.24
C HIS A 158 -10.62 -4.91 21.17
N LEU A 159 -11.10 -3.80 20.64
CA LEU A 159 -11.42 -2.60 21.40
C LEU A 159 -12.91 -2.49 21.63
N GLY A 160 -13.70 -3.41 21.07
CA GLY A 160 -15.14 -3.40 21.19
C GLY A 160 -15.84 -2.34 20.38
N VAL A 161 -15.16 -1.71 19.43
CA VAL A 161 -15.82 -0.64 18.68
C VAL A 161 -16.33 -1.18 17.36
N PRO A 162 -17.47 -0.69 16.88
CA PRO A 162 -18.05 -1.21 15.63
C PRO A 162 -17.27 -0.72 14.42
N LEU A 163 -17.38 -1.49 13.32
CA LEU A 163 -16.80 -1.06 12.06
C LEU A 163 -17.59 0.06 11.41
N LEU A 164 -18.90 0.16 11.72
CA LEU A 164 -19.75 1.27 11.31
C LEU A 164 -20.17 2.03 12.55
N THR A 165 -19.77 3.30 12.66
CA THR A 165 -20.08 4.08 13.86
C THR A 165 -21.43 4.75 13.70
N PRO A 166 -22.02 5.25 14.79
CA PRO A 166 -23.29 5.97 14.68
C PRO A 166 -23.27 7.13 13.71
N GLU A 167 -22.11 7.77 13.49
CA GLU A 167 -22.03 8.85 12.52
C GLU A 167 -22.10 8.35 11.07
N GLY A 168 -22.07 7.04 10.84
CA GLY A 168 -22.24 6.52 9.51
C GLY A 168 -20.96 6.36 8.72
N THR A 169 -19.84 6.18 9.41
CA THR A 169 -18.55 6.03 8.76
C THR A 169 -17.75 4.97 9.50
N GLY A 170 -16.52 4.75 9.07
CA GLY A 170 -15.57 3.95 9.84
C GLY A 170 -14.63 4.79 10.68
N ALA A 171 -14.98 6.04 10.96
CA ALA A 171 -14.13 6.94 11.74
C ALA A 171 -14.71 7.13 13.14
N TYR A 172 -13.80 7.37 14.09
CA TYR A 172 -14.11 7.43 15.52
C TYR A 172 -13.78 8.83 16.02
N SER A 173 -14.81 9.63 16.28
CA SER A 173 -14.58 10.98 16.79
C SER A 173 -13.99 10.95 18.18
N LYS A 174 -13.25 12.01 18.52
CA LYS A 174 -12.70 12.13 19.87
C LYS A 174 -13.79 12.24 20.93
N GLU A 175 -14.93 12.84 20.59
CA GLU A 175 -15.96 13.00 21.60
C GLU A 175 -16.72 11.70 21.85
N ALA A 176 -16.91 10.87 20.82
CA ALA A 176 -17.63 9.62 21.01
C ALA A 176 -16.73 8.46 21.44
N TYR A 177 -15.43 8.52 21.12
CA TYR A 177 -14.51 7.41 21.40
C TYR A 177 -13.23 7.92 22.05
N PRO A 178 -13.32 8.64 23.18
CA PRO A 178 -12.09 9.19 23.78
C PRO A 178 -11.08 8.14 24.19
N GLU A 179 -11.52 6.96 24.61
CA GLU A 179 -10.59 5.94 25.08
C GLU A 179 -9.67 5.45 23.97
N LEU A 180 -10.12 5.49 22.71
CA LEU A 180 -9.25 5.09 21.60
C LEU A 180 -8.06 6.03 21.48
N TYR A 181 -8.30 7.33 21.66
CA TYR A 181 -7.22 8.31 21.56
C TYR A 181 -6.27 8.22 22.76
N GLU A 182 -6.76 7.74 23.91
CA GLU A 182 -5.86 7.51 25.03
C GLU A 182 -4.95 6.32 24.79
N ARG A 183 -5.36 5.37 23.96
CA ARG A 183 -4.60 4.15 23.72
C ARG A 183 -3.69 4.22 22.51
N GLU A 184 -3.85 5.23 21.65
CA GLU A 184 -3.10 5.25 20.40
C GLU A 184 -1.62 5.45 20.67
N ARG A 185 -0.79 4.90 19.77
CA ARG A 185 0.65 5.02 19.88
C ARG A 185 1.27 5.22 18.51
N PRO A 186 2.35 6.00 18.43
CA PRO A 186 3.03 6.20 17.15
C PRO A 186 3.96 5.04 16.81
N VAL A 187 4.06 4.78 15.52
CA VAL A 187 5.01 3.82 14.97
C VAL A 187 6.25 4.60 14.54
N VAL A 188 7.36 4.41 15.24
CA VAL A 188 8.64 4.99 14.82
C VAL A 188 9.43 3.91 14.10
N VAL A 189 10.13 4.28 13.03
CA VAL A 189 10.72 3.30 12.12
C VAL A 189 11.86 3.92 11.35
N SER A 190 12.88 3.12 11.06
CA SER A 190 13.93 3.55 10.14
C SER A 190 13.51 3.37 8.68
N LYS A 191 14.14 4.16 7.82
CA LYS A 191 13.88 4.02 6.38
C LYS A 191 14.12 2.58 5.93
N GLY A 192 13.29 2.12 5.00
CA GLY A 192 13.33 0.76 4.54
C GLY A 192 12.48 -0.20 5.35
N SER A 193 11.89 0.24 6.46
CA SER A 193 10.97 -0.60 7.21
C SER A 193 9.59 -0.60 6.57
N LEU A 194 8.85 -1.68 6.78
CA LEU A 194 7.50 -1.84 6.27
C LEU A 194 6.55 -2.07 7.44
N LEU A 195 5.56 -1.19 7.59
CA LEU A 195 4.46 -1.45 8.50
C LEU A 195 3.38 -2.21 7.75
N LEU A 196 2.97 -3.35 8.26
CA LEU A 196 1.82 -4.09 7.78
C LEU A 196 0.71 -4.00 8.81
N PHE A 197 -0.53 -3.81 8.35
CA PHE A 197 -1.64 -3.79 9.30
C PHE A 197 -2.91 -4.31 8.64
N VAL A 198 -3.80 -4.86 9.44
CA VAL A 198 -5.08 -5.30 8.93
C VAL A 198 -6.00 -4.11 8.81
N GLY A 199 -6.88 -4.14 7.80
CA GLY A 199 -7.71 -2.97 7.55
C GLY A 199 -8.62 -2.63 8.70
N ASP A 200 -9.04 -3.63 9.48
CA ASP A 200 -9.93 -3.36 10.60
C ASP A 200 -9.22 -2.80 11.84
N ILE A 201 -7.91 -2.57 11.78
CA ILE A 201 -7.23 -1.88 12.88
C ILE A 201 -7.71 -0.43 12.95
N VAL A 202 -7.81 0.08 14.17
CA VAL A 202 -8.03 1.50 14.41
C VAL A 202 -6.67 2.20 14.32
N HIS A 203 -6.56 3.19 13.43
CA HIS A 203 -5.28 3.82 13.15
C HIS A 203 -5.54 5.20 12.56
N ARG A 204 -4.46 5.98 12.39
CA ARG A 204 -4.57 7.26 11.69
C ARG A 204 -3.20 7.73 11.21
N GLY A 205 -3.22 8.55 10.15
CA GLY A 205 -2.08 9.38 9.85
C GLY A 205 -2.03 10.56 10.79
N SER A 206 -0.86 11.19 10.89
CA SER A 206 -0.69 12.28 11.85
C SER A 206 -0.01 13.48 11.19
N ALA A 207 -0.15 14.63 11.87
CA ALA A 207 0.50 15.84 11.41
C ALA A 207 2.02 15.73 11.57
N TYR A 208 2.74 16.38 10.65
CA TYR A 208 4.18 16.48 10.74
C TYR A 208 4.53 17.66 11.64
N HIS A 209 5.10 17.37 12.82
CA HIS A 209 5.32 18.41 13.81
C HIS A 209 6.61 19.20 13.57
N GLY A 210 7.60 18.60 12.94
CA GLY A 210 8.84 19.30 12.66
C GLY A 210 8.66 20.39 11.62
N HIS A 211 9.59 21.35 11.67
CA HIS A 211 9.54 22.50 10.77
C HIS A 211 10.00 22.10 9.37
N LEU A 212 11.12 21.41 9.27
CA LEU A 212 11.74 21.08 7.99
C LEU A 212 11.62 19.60 7.71
N GLY A 213 11.92 19.24 6.46
CA GLY A 213 11.89 17.86 6.05
C GLY A 213 10.53 17.41 5.57
N ARG A 214 10.49 16.16 5.15
CA ARG A 214 9.25 15.54 4.71
C ARG A 214 9.37 14.04 4.91
N ARG A 215 8.23 13.42 5.22
CA ARG A 215 8.14 11.98 5.30
C ARG A 215 7.76 11.46 3.92
N LEU A 216 8.48 10.47 3.43
CA LEU A 216 8.21 9.85 2.14
C LEU A 216 7.84 8.38 2.36
N ALA A 217 6.76 7.94 1.72
CA ALA A 217 6.36 6.55 1.91
C ALA A 217 5.60 6.03 0.70
N LEU A 218 5.66 4.71 0.55
CA LEU A 218 4.89 3.96 -0.44
C LEU A 218 3.79 3.21 0.29
N PHE A 219 2.55 3.38 -0.17
CA PHE A 219 1.37 2.77 0.42
C PHE A 219 0.80 1.74 -0.53
N PHE A 220 0.23 0.68 0.04
CA PHE A 220 -0.54 -0.27 -0.75
C PHE A 220 -1.47 -1.05 0.16
N ASN A 221 -2.47 -1.68 -0.46
CA ASN A 221 -3.33 -2.58 0.29
C ASN A 221 -3.84 -3.66 -0.65
N ILE A 222 -4.17 -4.80 -0.07
CA ILE A 222 -4.44 -6.05 -0.78
C ILE A 222 -5.69 -6.69 -0.17
N HIS A 223 -6.50 -7.32 -1.01
CA HIS A 223 -7.70 -8.01 -0.56
C HIS A 223 -7.84 -9.35 -1.26
N GLY A 224 -8.76 -10.17 -0.77
CA GLY A 224 -9.07 -11.44 -1.41
C GLY A 224 -10.21 -11.29 -2.41
N ALA A 225 -10.05 -11.92 -3.58
CA ALA A 225 -11.04 -11.78 -4.65
C ALA A 225 -12.42 -12.25 -4.24
N GLN A 226 -12.51 -13.09 -3.20
CA GLN A 226 -13.80 -13.53 -2.69
C GLN A 226 -14.63 -12.36 -2.20
N ALA A 227 -14.00 -11.28 -1.72
CA ALA A 227 -14.70 -10.06 -1.33
C ALA A 227 -15.01 -9.28 -2.60
N ARG A 228 -15.95 -9.83 -3.38
CA ARG A 228 -16.09 -9.50 -4.79
C ARG A 228 -16.66 -8.12 -5.06
N TRP A 229 -17.21 -7.45 -4.05
CA TRP A 229 -17.67 -6.08 -4.19
C TRP A 229 -16.53 -5.06 -4.09
N THR A 230 -15.32 -5.53 -3.79
CA THR A 230 -14.14 -4.67 -3.66
C THR A 230 -13.45 -4.50 -5.01
N ASP A 231 -12.97 -3.29 -5.28
CA ASP A 231 -12.28 -3.00 -6.53
C ASP A 231 -10.79 -3.21 -6.36
N LYS A 232 -10.17 -3.76 -7.38
CA LYS A 232 -8.73 -3.68 -7.45
C LYS A 232 -8.32 -2.28 -7.90
N HIS A 233 -7.01 -2.03 -7.87
CA HIS A 233 -6.53 -0.70 -8.18
C HIS A 233 -6.82 -0.35 -9.64
N LEU A 234 -7.53 0.75 -9.85
CA LEU A 234 -7.85 1.22 -11.18
C LEU A 234 -6.79 2.21 -11.65
N TRP A 235 -6.29 2.00 -12.86
CA TRP A 235 -5.48 3.01 -13.53
C TRP A 235 -5.72 2.91 -15.03
N SER A 236 -5.35 3.96 -15.75
CA SER A 236 -5.53 4.05 -17.19
C SER A 236 -4.17 4.15 -17.85
N LEU A 237 -3.87 3.23 -18.76
CA LEU A 237 -2.61 3.26 -19.49
C LEU A 237 -2.79 2.49 -20.79
N ARG A 238 -2.11 2.95 -21.83
CA ARG A 238 -2.11 2.33 -23.15
C ARG A 238 -0.67 2.30 -23.64
N PRO A 239 -0.35 1.43 -24.60
CA PRO A 239 1.04 1.37 -25.09
C PRO A 239 1.59 2.67 -25.65
N ALA A 240 0.73 3.58 -26.13
CA ALA A 240 1.20 4.86 -26.64
C ALA A 240 1.72 5.78 -25.54
N HIS A 241 1.35 5.55 -24.28
CA HIS A 241 1.63 6.52 -23.23
C HIS A 241 3.12 6.50 -22.86
N PRO A 242 3.70 7.66 -22.54
CA PRO A 242 5.12 7.67 -22.14
C PRO A 242 5.45 6.78 -20.96
N ASP A 243 4.51 6.53 -20.06
CA ASP A 243 4.74 5.67 -18.90
C ASP A 243 4.61 4.19 -19.21
N TRP A 244 4.23 3.83 -20.43
CA TRP A 244 4.00 2.42 -20.73
C TRP A 244 5.27 1.60 -20.64
N GLY A 245 6.40 2.13 -21.12
CA GLY A 245 7.63 1.34 -21.11
C GLY A 245 7.99 0.81 -19.74
N THR A 246 7.87 1.64 -18.70
CA THR A 246 8.13 1.18 -17.35
C THR A 246 7.17 0.05 -16.95
N PHE A 247 5.89 0.22 -17.25
CA PHE A 247 4.91 -0.79 -16.89
C PHE A 247 5.14 -2.09 -17.68
N ARG A 248 5.43 -1.97 -18.97
CA ARG A 248 5.76 -3.12 -19.79
C ARG A 248 6.94 -3.89 -19.18
N ASP A 249 7.98 -3.16 -18.79
CA ASP A 249 9.14 -3.79 -18.19
C ASP A 249 8.80 -4.45 -16.86
N LEU A 250 7.92 -3.83 -16.08
CA LEU A 250 7.44 -4.45 -14.85
C LEU A 250 6.77 -5.79 -15.14
N MET A 251 5.87 -5.82 -16.13
CA MET A 251 5.16 -7.06 -16.44
C MET A 251 6.11 -8.16 -16.85
N ILE A 252 7.18 -7.81 -17.57
CA ILE A 252 8.18 -8.80 -17.97
C ILE A 252 8.96 -9.30 -16.76
N GLU A 253 9.24 -8.40 -15.81
CA GLU A 253 10.02 -8.77 -14.63
C GLU A 253 9.22 -9.63 -13.65
N LEU A 254 7.94 -9.32 -13.46
CA LEU A 254 7.16 -9.98 -12.43
C LEU A 254 7.03 -11.48 -12.70
N GLU A 255 6.94 -12.26 -11.63
CA GLU A 255 6.62 -13.67 -11.73
C GLU A 255 5.12 -13.87 -11.83
N PRO A 256 4.67 -15.02 -12.33
CA PRO A 256 3.23 -15.28 -12.39
C PRO A 256 2.48 -15.06 -11.08
N ARG A 257 3.06 -15.49 -9.94
CA ARG A 257 2.39 -15.28 -8.66
C ARG A 257 2.18 -13.80 -8.38
N GLN A 258 3.08 -12.94 -8.85
CA GLN A 258 2.90 -11.50 -8.63
C GLN A 258 1.89 -10.90 -9.59
N ARG A 259 1.93 -11.27 -10.87
CA ARG A 259 0.97 -10.72 -11.82
C ARG A 259 -0.46 -11.02 -11.42
N HIS A 260 -0.68 -12.13 -10.71
CA HIS A 260 -2.01 -12.54 -10.30
C HIS A 260 -2.74 -11.44 -9.54
N LEU A 261 -2.01 -10.65 -8.76
CA LEU A 261 -2.63 -9.61 -7.95
C LEU A 261 -3.13 -8.45 -8.80
N LEU A 262 -2.71 -8.34 -10.05
CA LEU A 262 -3.22 -7.33 -10.97
C LEU A 262 -4.42 -7.84 -11.76
N GLY A 263 -4.91 -9.04 -11.45
CA GLY A 263 -5.97 -9.63 -12.24
C GLY A 263 -5.50 -10.28 -13.51
N PHE A 264 -4.21 -10.59 -13.64
CA PHE A 264 -3.70 -11.27 -14.82
C PHE A 264 -4.35 -12.67 -14.92
N PRO A 265 -4.73 -13.12 -16.10
CA PRO A 265 -5.34 -14.47 -16.20
C PRO A 265 -4.33 -15.54 -15.80
N PRO A 266 -4.68 -16.41 -14.85
CA PRO A 266 -3.69 -17.38 -14.34
C PRO A 266 -3.40 -18.48 -15.36
N PRO A 267 -2.34 -19.25 -15.12
CA PRO A 267 -2.13 -20.46 -15.92
C PRO A 267 -3.39 -21.33 -15.92
N GLY A 268 -3.75 -21.84 -17.10
CA GLY A 268 -4.93 -22.67 -17.25
C GLY A 268 -6.22 -21.89 -17.47
N ASP A 269 -6.19 -20.56 -17.32
CA ASP A 269 -7.40 -19.77 -17.56
C ASP A 269 -7.85 -19.88 -19.01
N ASP A 270 -9.16 -19.89 -19.20
CA ASP A 270 -9.73 -19.99 -20.54
C ASP A 270 -9.31 -18.85 -21.46
N TYR A 271 -8.81 -17.74 -20.89
CA TYR A 271 -8.33 -16.63 -21.70
C TYR A 271 -7.25 -17.05 -22.69
N TRP A 272 -6.39 -17.98 -22.31
CA TRP A 272 -5.19 -18.29 -23.10
C TRP A 272 -5.52 -19.12 -24.33
N THR A 273 -5.19 -18.59 -25.50
CA THR A 273 -5.35 -19.24 -26.80
C THR A 273 -4.11 -18.91 -27.60
N GLU A 274 -3.97 -19.52 -28.78
CA GLU A 274 -2.84 -19.19 -29.63
C GLU A 274 -2.76 -17.69 -29.88
N GLU A 275 -3.91 -17.05 -30.15
CA GLU A 275 -3.88 -15.62 -30.44
C GLU A 275 -3.53 -14.78 -29.21
N THR A 276 -4.08 -15.11 -28.03
CA THR A 276 -3.74 -14.27 -26.88
C THR A 276 -2.31 -14.49 -26.39
N ILE A 277 -1.75 -15.69 -26.55
CA ILE A 277 -0.33 -15.87 -26.30
C ILE A 277 0.49 -14.99 -27.24
N LYS A 278 0.12 -14.96 -28.52
CA LYS A 278 0.81 -14.13 -29.49
C LYS A 278 0.73 -12.65 -29.13
N HIS A 279 -0.47 -12.15 -28.79
CA HIS A 279 -0.56 -10.72 -28.47
C HIS A 279 0.18 -10.39 -27.18
N LEU A 280 0.27 -11.36 -26.25
CA LEU A 280 1.03 -11.11 -25.02
C LEU A 280 2.49 -10.87 -25.33
N SER A 281 3.08 -11.70 -26.20
CA SER A 281 4.48 -11.50 -26.57
C SER A 281 4.67 -10.21 -27.36
N GLU A 282 3.69 -9.82 -28.18
CA GLU A 282 3.76 -8.55 -28.90
C GLU A 282 3.78 -7.36 -27.93
N MET A 283 2.89 -7.38 -26.93
CA MET A 283 2.78 -6.25 -26.01
C MET A 283 3.94 -6.21 -25.02
N TYR A 284 4.47 -7.36 -24.65
CA TYR A 284 5.51 -7.47 -23.63
C TYR A 284 6.66 -8.30 -24.18
N PRO A 285 7.45 -7.72 -25.11
CA PRO A 285 8.48 -8.53 -25.78
C PRO A 285 9.52 -9.03 -24.79
N GLY A 286 9.75 -10.34 -24.82
CA GLY A 286 10.64 -11.00 -23.90
C GLY A 286 9.94 -11.64 -22.72
N ILE A 287 8.63 -11.42 -22.56
CA ILE A 287 7.90 -12.06 -21.47
C ILE A 287 7.96 -13.59 -21.62
N ASP A 288 8.01 -14.28 -20.49
CA ASP A 288 8.03 -15.74 -20.48
C ASP A 288 6.58 -16.24 -20.57
N VAL A 289 6.21 -16.75 -21.75
CA VAL A 289 4.85 -17.26 -21.96
C VAL A 289 4.68 -18.70 -21.51
N GLU A 290 5.77 -19.40 -21.20
CA GLU A 290 5.67 -20.83 -20.89
C GLU A 290 4.63 -21.19 -19.84
N PRO A 291 4.48 -20.47 -18.72
CA PRO A 291 3.48 -20.88 -17.73
C PRO A 291 2.05 -20.79 -18.23
N TYR A 292 1.81 -20.03 -19.31
CA TYR A 292 0.45 -19.77 -19.78
C TYR A 292 0.09 -20.53 -21.04
N LEU A 293 1.04 -21.25 -21.65
CA LEU A 293 0.76 -21.93 -22.90
C LEU A 293 -0.32 -22.99 -22.69
N PRO A 294 -1.38 -23.01 -23.51
CA PRO A 294 -2.35 -24.10 -23.41
C PRO A 294 -1.72 -25.42 -23.84
N ALA A 295 -2.29 -26.51 -23.32
CA ALA A 295 -1.81 -27.85 -23.66
C ALA A 295 -2.15 -28.20 -25.11
FE FE B . -6.33 4.57 6.99
#